data_4ZNK
#
_entry.id   4ZNK
#
_cell.length_a   62.890
_cell.length_b   62.890
_cell.length_c   133.100
_cell.angle_alpha   90.00
_cell.angle_beta   90.00
_cell.angle_gamma   120.00
#
_symmetry.space_group_name_H-M   'P 32 2 1'
#
loop_
_entity.id
_entity.type
_entity.pdbx_description
1 polymer 'Phage terminase large subunit'
2 non-polymer 'SULFATE ION'
3 water water
#
_entity_poly.entity_id   1
_entity_poly.type   'polypeptide(L)'
_entity_poly.pdbx_seq_one_letter_code
;GPGGSMKRLRPSDKFFELLGYKPHHVQLAIHRSTAKRRVACLGRQSGKSEAASVEAVFELFARPGSQGWIIAPTYDQAEI
IFGRVVEKVERLAEVFPATEVQLQRRRLRLLVHHYDRPVNAPGAKRVATSEFRGKSADRPDNLRGATLDFVILDEAAMIP
FSVWSEAIEPTLSVRDGWALIISTPKGLNWFYEFFLMGWRGGLKEGIPNSGINQTHPDFESFHAASWDVWPERREWYMER
RLYIPDLEFRQEYGAEFVSHSGLEHHHHHHHHHH
;
_entity_poly.pdbx_strand_id   A
#
loop_
_chem_comp.id
_chem_comp.type
_chem_comp.name
_chem_comp.formula
SO4 non-polymer 'SULFATE ION' 'O4 S -2'
#
# COMPACT_ATOMS: atom_id res chain seq x y z
N ARG A 8 -1.49 -17.60 5.88
CA ARG A 8 -1.18 -16.16 5.94
C ARG A 8 -2.10 -15.42 6.90
N LEU A 9 -1.52 -14.69 7.85
CA LEU A 9 -2.30 -13.92 8.80
C LEU A 9 -2.90 -12.66 8.19
N ARG A 10 -4.14 -12.38 8.55
CA ARG A 10 -4.87 -11.21 8.02
C ARG A 10 -5.58 -10.47 9.14
N PRO A 11 -5.71 -9.14 9.02
CA PRO A 11 -6.32 -8.37 10.10
C PRO A 11 -7.79 -8.71 10.35
N SER A 12 -8.15 -8.64 11.61
CA SER A 12 -9.47 -8.98 12.09
C SER A 12 -10.35 -7.77 12.19
N ASP A 13 -11.65 -8.02 12.31
CA ASP A 13 -12.61 -7.00 12.66
C ASP A 13 -12.23 -6.26 13.93
N LYS A 14 -11.68 -6.95 14.92
CA LYS A 14 -11.30 -6.29 16.17
C LYS A 14 -10.14 -5.32 15.95
N PHE A 15 -9.18 -5.71 15.12
CA PHE A 15 -8.02 -4.87 14.84
C PHE A 15 -8.52 -3.57 14.19
N PHE A 16 -9.48 -3.69 13.28
CA PHE A 16 -10.04 -2.50 12.61
C PHE A 16 -10.70 -1.59 13.64
N GLU A 17 -11.50 -2.20 14.52
CA GLU A 17 -12.19 -1.47 15.57
C GLU A 17 -11.20 -0.73 16.47
N LEU A 18 -10.12 -1.39 16.87
CA LEU A 18 -9.14 -0.73 17.75
C LEU A 18 -8.47 0.49 17.10
N LEU A 19 -8.40 0.49 15.78
CA LEU A 19 -7.84 1.62 15.07
C LEU A 19 -8.90 2.68 14.72
N GLY A 20 -10.16 2.44 15.04
CA GLY A 20 -11.23 3.31 14.59
C GLY A 20 -11.40 3.36 13.08
N TYR A 21 -11.09 2.24 12.43
CA TYR A 21 -11.07 2.16 10.97
C TYR A 21 -12.27 1.37 10.47
N LYS A 22 -13.00 1.98 9.56
CA LYS A 22 -14.17 1.34 8.94
C LYS A 22 -13.92 1.26 7.45
N PRO A 23 -13.35 0.16 6.98
CA PRO A 23 -12.97 0.08 5.58
C PRO A 23 -14.14 0.06 4.61
N HIS A 24 -13.97 0.70 3.46
CA HIS A 24 -14.91 0.55 2.36
C HIS A 24 -14.79 -0.82 1.78
N HIS A 25 -15.72 -1.17 0.91
N HIS A 25 -15.73 -1.16 0.92
CA HIS A 25 -15.76 -2.49 0.30
CA HIS A 25 -15.78 -2.46 0.27
C HIS A 25 -14.44 -2.81 -0.41
C HIS A 25 -14.44 -2.80 -0.38
N VAL A 26 -13.89 -1.88 -1.16
CA VAL A 26 -12.66 -2.16 -1.88
C VAL A 26 -11.49 -2.33 -0.89
N GLN A 27 -11.48 -1.55 0.18
CA GLN A 27 -10.42 -1.68 1.18
C GLN A 27 -10.49 -3.03 1.87
N LEU A 28 -11.71 -3.46 2.19
CA LEU A 28 -11.94 -4.70 2.87
C LEU A 28 -11.46 -5.86 1.97
N ALA A 29 -11.70 -5.75 0.67
CA ALA A 29 -11.22 -6.75 -0.30
C ALA A 29 -9.70 -6.87 -0.27
N ILE A 30 -9.03 -5.72 -0.23
CA ILE A 30 -7.58 -5.71 -0.19
C ILE A 30 -7.10 -6.37 1.11
N HIS A 31 -7.71 -6.04 2.23
CA HIS A 31 -7.28 -6.62 3.51
C HIS A 31 -7.56 -8.12 3.67
N ARG A 32 -8.60 -8.62 3.01
CA ARG A 32 -8.93 -10.04 3.05
C ARG A 32 -8.11 -10.90 2.10
N SER A 33 -7.52 -10.27 1.08
CA SER A 33 -6.66 -10.97 0.13
C SER A 33 -5.36 -11.48 0.76
N THR A 34 -5.05 -12.73 0.47
CA THR A 34 -3.81 -13.35 0.93
C THR A 34 -2.77 -13.42 -0.18
N ALA A 35 -3.04 -12.77 -1.31
CA ALA A 35 -2.11 -12.76 -2.42
C ALA A 35 -0.80 -12.08 -2.04
N LYS A 36 0.33 -12.64 -2.46
CA LYS A 36 1.61 -12.05 -2.11
C LYS A 36 1.94 -10.84 -2.98
N ARG A 37 1.21 -10.70 -4.08
CA ARG A 37 1.28 -9.48 -4.89
C ARG A 37 -0.12 -8.92 -5.07
N ARG A 38 -0.41 -7.84 -4.35
CA ARG A 38 -1.68 -7.15 -4.45
C ARG A 38 -1.47 -5.84 -5.19
N VAL A 39 -2.29 -5.62 -6.21
CA VAL A 39 -2.14 -4.44 -7.06
C VAL A 39 -3.45 -3.69 -7.03
N ALA A 40 -3.44 -2.47 -6.51
CA ALA A 40 -4.67 -1.69 -6.37
C ALA A 40 -4.58 -0.41 -7.22
N CYS A 41 -5.49 -0.30 -8.16
CA CYS A 41 -5.54 0.86 -9.05
C CYS A 41 -6.82 1.60 -8.71
N LEU A 42 -6.73 2.54 -7.77
CA LEU A 42 -7.91 3.21 -7.26
C LEU A 42 -7.76 4.70 -7.41
N GLY A 43 -8.88 5.36 -7.67
CA GLY A 43 -8.87 6.82 -7.79
C GLY A 43 -8.59 7.52 -6.48
N ARG A 44 -8.33 8.82 -6.57
CA ARG A 44 -8.18 9.71 -5.43
C ARG A 44 -9.36 9.56 -4.46
N GLN A 45 -9.04 9.53 -3.16
CA GLN A 45 -10.01 9.33 -2.06
C GLN A 45 -10.59 7.93 -1.92
N SER A 46 -10.10 6.97 -2.69
CA SER A 46 -10.63 5.62 -2.64
C SER A 46 -10.20 4.89 -1.37
N GLY A 47 -9.18 5.41 -0.70
CA GLY A 47 -8.65 4.77 0.51
C GLY A 47 -7.29 4.08 0.41
N LYS A 48 -6.52 4.38 -0.64
CA LYS A 48 -5.23 3.69 -0.89
C LYS A 48 -4.25 3.86 0.27
N SER A 49 -4.01 5.10 0.66
CA SER A 49 -2.99 5.39 1.66
C SER A 49 -3.41 4.89 3.03
N GLU A 50 -4.69 5.01 3.36
CA GLU A 50 -5.18 4.55 4.66
C GLU A 50 -5.08 3.04 4.75
N ALA A 51 -5.57 2.35 3.73
CA ALA A 51 -5.47 0.89 3.70
C ALA A 51 -4.01 0.42 3.79
N ALA A 52 -3.12 1.04 3.03
CA ALA A 52 -1.71 0.68 3.10
C ALA A 52 -1.16 0.86 4.52
N SER A 53 -1.52 1.96 5.18
CA SER A 53 -1.00 2.24 6.50
CA SER A 53 -1.01 2.24 6.50
C SER A 53 -1.50 1.18 7.49
N VAL A 54 -2.77 0.79 7.36
CA VAL A 54 -3.37 -0.23 8.22
C VAL A 54 -2.65 -1.58 8.03
N GLU A 55 -2.30 -1.92 6.80
CA GLU A 55 -1.53 -3.13 6.52
C GLU A 55 -0.17 -3.09 7.24
N ALA A 56 0.53 -1.96 7.19
CA ALA A 56 1.82 -1.86 7.88
C ALA A 56 1.65 -1.98 9.40
N VAL A 57 0.66 -1.28 9.97
CA VAL A 57 0.42 -1.39 11.40
C VAL A 57 0.11 -2.84 11.79
N PHE A 58 -0.64 -3.54 10.95
CA PHE A 58 -1.01 -4.92 11.24
C PHE A 58 0.24 -5.78 11.39
N GLU A 59 1.17 -5.65 10.46
CA GLU A 59 2.42 -6.42 10.53
C GLU A 59 3.22 -6.10 11.79
N LEU A 60 3.36 -4.81 12.10
CA LEU A 60 4.18 -4.40 13.23
C LEU A 60 3.69 -4.95 14.55
N PHE A 61 2.37 -5.04 14.72
CA PHE A 61 1.82 -5.53 15.97
C PHE A 61 1.47 -7.01 15.97
N ALA A 62 0.96 -7.55 14.87
CA ALA A 62 0.48 -8.92 14.88
C ALA A 62 1.60 -9.92 14.66
N ARG A 63 2.71 -9.45 14.09
CA ARG A 63 3.82 -10.32 13.74
C ARG A 63 5.11 -9.74 14.28
N PRO A 64 5.38 -9.98 15.56
CA PRO A 64 6.57 -9.40 16.21
C PRO A 64 7.84 -9.70 15.45
N GLY A 65 8.63 -8.65 15.23
CA GLY A 65 9.84 -8.73 14.46
C GLY A 65 9.67 -8.51 12.96
N SER A 66 8.42 -8.35 12.48
CA SER A 66 8.23 -8.08 11.05
C SER A 66 8.93 -6.77 10.65
N GLN A 67 9.55 -6.78 9.46
CA GLN A 67 10.21 -5.61 8.89
C GLN A 67 9.64 -5.29 7.52
N GLY A 68 9.41 -4.01 7.27
CA GLY A 68 8.95 -3.61 5.96
C GLY A 68 9.28 -2.18 5.62
N TRP A 69 9.04 -1.84 4.36
CA TRP A 69 9.27 -0.53 3.81
C TRP A 69 8.02 -0.01 3.15
N ILE A 70 7.85 1.30 3.17
CA ILE A 70 6.99 1.96 2.19
C ILE A 70 7.94 2.74 1.29
N ILE A 71 7.83 2.47 -0.01
CA ILE A 71 8.64 3.15 -1.03
C ILE A 71 7.74 3.98 -1.91
N ALA A 72 8.09 5.24 -2.09
CA ALA A 72 7.39 6.16 -2.98
C ALA A 72 8.39 6.82 -3.93
N PRO A 73 7.91 7.56 -4.96
CA PRO A 73 8.81 8.22 -5.92
C PRO A 73 9.79 9.19 -5.25
N THR A 74 9.36 9.83 -4.17
CA THR A 74 10.16 10.80 -3.44
C THR A 74 10.00 10.57 -1.96
N TYR A 75 10.93 11.10 -1.17
CA TYR A 75 10.82 11.00 0.30
C TYR A 75 9.64 11.78 0.83
N ASP A 76 9.36 12.94 0.23
CA ASP A 76 8.21 13.74 0.65
C ASP A 76 6.92 12.96 0.50
N GLN A 77 6.83 12.21 -0.58
CA GLN A 77 5.66 11.38 -0.78
C GLN A 77 5.63 10.20 0.20
N ALA A 78 6.78 9.60 0.49
CA ALA A 78 6.83 8.45 1.40
C ALA A 78 6.38 8.80 2.82
N GLU A 79 6.55 10.06 3.19
CA GLU A 79 6.19 10.57 4.51
C GLU A 79 4.69 10.56 4.78
N ILE A 80 3.89 10.52 3.74
CA ILE A 80 2.45 10.53 3.91
C ILE A 80 2.01 9.22 4.60
N ILE A 81 2.28 8.09 3.94
CA ILE A 81 1.95 6.80 4.56
C ILE A 81 2.79 6.58 5.80
N PHE A 82 4.09 6.89 5.75
CA PHE A 82 4.93 6.70 6.92
C PHE A 82 4.32 7.42 8.12
N GLY A 83 3.89 8.67 7.93
CA GLY A 83 3.28 9.41 9.02
C GLY A 83 1.97 8.82 9.51
N ARG A 84 1.13 8.32 8.60
CA ARG A 84 -0.12 7.70 9.04
C ARG A 84 0.19 6.44 9.86
N VAL A 85 1.23 5.72 9.49
CA VAL A 85 1.57 4.50 10.22
C VAL A 85 2.00 4.86 11.65
N VAL A 86 2.83 5.89 11.78
CA VAL A 86 3.27 6.35 13.10
C VAL A 86 2.07 6.73 13.98
N GLU A 87 1.15 7.52 13.44
CA GLU A 87 -0.06 7.87 14.19
C GLU A 87 -0.84 6.64 14.66
N LYS A 88 -1.07 5.69 13.77
CA LYS A 88 -1.88 4.53 14.13
C LYS A 88 -1.13 3.62 15.08
N VAL A 89 0.20 3.55 14.94
CA VAL A 89 1.02 2.77 15.87
C VAL A 89 0.95 3.37 17.27
N GLU A 90 0.99 4.69 17.33
CA GLU A 90 0.85 5.36 18.62
C GLU A 90 -0.51 5.02 19.24
N ARG A 91 -1.54 4.97 18.39
CA ARG A 91 -2.87 4.66 18.87
C ARG A 91 -2.97 3.22 19.37
N LEU A 92 -2.48 2.27 18.58
CA LEU A 92 -2.65 0.86 18.93
C LEU A 92 -1.79 0.50 20.14
N ALA A 93 -0.64 1.13 20.29
CA ALA A 93 0.24 0.82 21.42
C ALA A 93 -0.44 1.05 22.77
N GLU A 94 -1.45 1.92 22.80
CA GLU A 94 -2.17 2.21 24.04
C GLU A 94 -2.85 0.98 24.65
N VAL A 95 -3.21 0.02 23.83
CA VAL A 95 -3.91 -1.16 24.37
C VAL A 95 -3.06 -2.42 24.24
N PHE A 96 -1.77 -2.22 24.00
CA PHE A 96 -0.79 -3.31 24.03
C PHE A 96 0.38 -2.96 24.94
N PRO A 97 0.21 -3.17 26.27
CA PRO A 97 1.20 -2.89 27.32
C PRO A 97 2.56 -3.55 27.15
N ALA A 98 2.64 -4.62 26.37
CA ALA A 98 3.92 -5.28 26.16
C ALA A 98 4.65 -4.76 24.92
N THR A 99 4.22 -3.61 24.41
CA THR A 99 4.90 -3.02 23.26
C THR A 99 5.45 -1.64 23.61
N GLU A 100 6.51 -1.26 22.92
CA GLU A 100 7.12 0.05 23.07
C GLU A 100 7.43 0.64 21.72
N VAL A 101 6.94 1.86 21.47
CA VAL A 101 7.18 2.54 20.20
C VAL A 101 8.46 3.37 20.31
N GLN A 102 9.29 3.29 19.27
CA GLN A 102 10.45 4.15 19.15
C GLN A 102 10.50 4.70 17.72
N LEU A 103 10.39 6.02 17.61
CA LEU A 103 10.48 6.70 16.30
C LEU A 103 11.80 7.43 16.16
N GLN A 104 12.45 7.21 15.03
CA GLN A 104 13.61 7.99 14.60
C GLN A 104 13.19 8.77 13.38
N ARG A 105 12.71 9.98 13.63
CA ARG A 105 11.98 10.75 12.66
C ARG A 105 12.78 11.13 11.43
N ARG A 106 14.01 11.59 11.61
CA ARG A 106 14.78 12.09 10.48
C ARG A 106 15.19 10.96 9.55
N ARG A 107 15.36 9.76 10.11
CA ARG A 107 15.66 8.57 9.33
C ARG A 107 14.43 7.92 8.71
N LEU A 108 13.24 8.38 9.11
CA LEU A 108 11.99 7.72 8.71
C LEU A 108 12.10 6.26 9.12
N ARG A 109 12.34 6.01 10.40
CA ARG A 109 12.48 4.66 10.92
C ARG A 109 11.65 4.53 12.17
N LEU A 110 10.76 3.54 12.17
CA LEU A 110 9.80 3.33 13.24
C LEU A 110 10.01 1.93 13.77
N LEU A 111 10.16 1.81 15.08
CA LEU A 111 10.38 0.50 15.72
C LEU A 111 9.28 0.23 16.71
N VAL A 112 8.83 -1.02 16.76
CA VAL A 112 7.87 -1.42 17.75
C VAL A 112 8.52 -2.62 18.47
N HIS A 113 8.96 -2.38 19.70
CA HIS A 113 9.62 -3.41 20.52
C HIS A 113 8.56 -4.23 21.19
N HIS A 114 8.70 -5.57 21.15
CA HIS A 114 7.74 -6.45 21.74
C HIS A 114 8.41 -7.11 22.93
N TYR A 115 7.75 -7.11 24.07
CA TYR A 115 8.29 -7.69 25.30
C TYR A 115 7.51 -8.94 25.70
N ASP A 116 8.09 -9.74 26.59
CA ASP A 116 7.47 -10.99 27.01
C ASP A 116 6.40 -10.78 28.10
N ARG A 117 6.18 -9.53 28.46
CA ARG A 117 5.25 -9.16 29.52
C ARG A 117 5.09 -7.64 29.41
N PRO A 118 4.10 -7.06 30.13
CA PRO A 118 3.96 -5.60 30.08
C PRO A 118 5.28 -4.90 30.33
N VAL A 119 5.62 -3.88 29.54
CA VAL A 119 6.97 -3.33 29.57
C VAL A 119 7.28 -2.74 30.93
N ASN A 120 6.23 -2.34 31.63
CA ASN A 120 6.36 -1.82 32.99
C ASN A 120 6.74 -2.87 34.01
N ALA A 121 6.32 -4.12 33.79
CA ALA A 121 6.44 -5.14 34.81
C ALA A 121 7.89 -5.46 35.08
N PRO A 122 8.20 -5.88 36.33
CA PRO A 122 9.57 -6.23 36.66
C PRO A 122 10.07 -7.44 35.84
N GLY A 123 11.32 -7.35 35.35
CA GLY A 123 11.92 -8.43 34.60
C GLY A 123 11.58 -8.46 33.11
N ALA A 124 10.87 -7.44 32.63
CA ALA A 124 10.42 -7.42 31.24
C ALA A 124 11.58 -7.59 30.27
N LYS A 125 11.49 -8.60 29.40
CA LYS A 125 12.50 -8.83 28.36
C LYS A 125 11.94 -8.65 26.97
N ARG A 126 12.75 -8.04 26.11
CA ARG A 126 12.42 -7.81 24.71
C ARG A 126 12.53 -9.10 23.90
N VAL A 127 11.46 -9.50 23.21
CA VAL A 127 11.51 -10.74 22.43
C VAL A 127 11.62 -10.52 20.93
N ALA A 128 11.28 -9.33 20.45
CA ALA A 128 11.40 -9.05 19.04
C ALA A 128 11.16 -7.57 18.83
N THR A 129 11.73 -7.04 17.76
CA THR A 129 11.51 -5.65 17.35
C THR A 129 11.03 -5.58 15.90
N SER A 130 9.81 -5.09 15.70
CA SER A 130 9.28 -4.89 14.36
C SER A 130 9.79 -3.56 13.84
N GLU A 131 9.96 -3.45 12.52
CA GLU A 131 10.50 -2.22 11.94
C GLU A 131 9.79 -1.79 10.67
N PHE A 132 9.69 -0.48 10.48
CA PHE A 132 9.04 0.10 9.30
C PHE A 132 9.86 1.31 8.90
N ARG A 133 10.22 1.37 7.62
CA ARG A 133 10.91 2.54 7.08
C ARG A 133 10.23 3.12 5.87
N GLY A 134 10.36 4.43 5.74
CA GLY A 134 10.02 5.12 4.50
C GLY A 134 11.26 5.27 3.61
N LYS A 135 11.08 5.00 2.31
CA LYS A 135 12.15 4.95 1.34
C LYS A 135 11.73 5.68 0.10
N SER A 136 12.70 6.03 -0.72
CA SER A 136 12.43 6.81 -1.91
C SER A 136 13.07 6.16 -3.12
N ALA A 137 12.29 6.00 -4.18
CA ALA A 137 12.80 5.42 -5.41
C ALA A 137 13.83 6.34 -6.11
N ASP A 138 13.85 7.63 -5.76
CA ASP A 138 14.83 8.55 -6.36
C ASP A 138 16.08 8.69 -5.49
N ARG A 139 16.15 7.89 -4.41
CA ARG A 139 17.38 7.74 -3.64
C ARG A 139 17.66 6.26 -3.50
N PRO A 140 17.92 5.60 -4.64
CA PRO A 140 18.07 4.14 -4.67
C PRO A 140 19.32 3.67 -3.95
N ASP A 141 20.21 4.61 -3.61
CA ASP A 141 21.39 4.29 -2.81
C ASP A 141 21.06 3.96 -1.37
N ASN A 142 19.85 4.29 -0.94
CA ASN A 142 19.39 3.92 0.40
C ASN A 142 18.56 2.64 0.35
N LEU A 143 18.49 2.00 -0.81
CA LEU A 143 17.83 0.70 -0.92
C LEU A 143 18.94 -0.38 -0.95
N ARG A 144 19.50 -0.68 0.23
CA ARG A 144 20.71 -1.48 0.35
C ARG A 144 20.50 -2.83 1.01
N GLY A 145 20.37 -3.89 0.22
CA GLY A 145 20.43 -5.26 0.72
C GLY A 145 19.71 -5.58 2.03
N ALA A 146 18.40 -5.41 2.03
CA ALA A 146 17.56 -5.67 3.19
C ALA A 146 16.86 -7.03 3.07
N THR A 147 16.37 -7.51 4.20
CA THR A 147 15.54 -8.70 4.30
C THR A 147 14.22 -8.29 4.95
N LEU A 148 13.12 -8.45 4.23
CA LEU A 148 11.84 -7.83 4.61
C LEU A 148 10.68 -8.80 4.56
N ASP A 149 9.70 -8.57 5.43
CA ASP A 149 8.42 -9.27 5.40
C ASP A 149 7.43 -8.66 4.42
N PHE A 150 7.49 -7.35 4.24
CA PHE A 150 6.51 -6.70 3.37
C PHE A 150 7.05 -5.39 2.81
N VAL A 151 6.54 -5.02 1.63
CA VAL A 151 6.79 -3.71 1.07
C VAL A 151 5.48 -3.13 0.54
N ILE A 152 5.35 -1.82 0.70
CA ILE A 152 4.30 -1.03 0.09
C ILE A 152 4.93 -0.08 -0.91
N LEU A 153 4.48 -0.15 -2.17
CA LEU A 153 4.89 0.81 -3.21
C LEU A 153 3.77 1.80 -3.44
N ASP A 154 4.01 3.06 -3.05
CA ASP A 154 3.02 4.10 -3.16
C ASP A 154 3.28 4.86 -4.46
N GLU A 155 2.21 5.27 -5.13
CA GLU A 155 2.33 5.89 -6.46
C GLU A 155 3.20 5.02 -7.35
N ALA A 156 2.95 3.71 -7.32
CA ALA A 156 3.79 2.75 -8.02
C ALA A 156 3.93 2.97 -9.52
N ALA A 157 2.93 3.57 -10.15
CA ALA A 157 2.98 3.77 -11.58
C ALA A 157 4.05 4.82 -11.94
N MET A 158 4.54 5.56 -10.94
CA MET A 158 5.59 6.55 -11.11
CA MET A 158 5.59 6.55 -11.12
C MET A 158 6.96 6.04 -10.66
N ILE A 159 7.00 4.83 -10.13
CA ILE A 159 8.26 4.20 -9.77
C ILE A 159 8.80 3.40 -10.97
N PRO A 160 10.09 3.57 -11.32
CA PRO A 160 10.63 2.80 -12.44
C PRO A 160 10.61 1.31 -12.15
N PHE A 161 10.30 0.51 -13.18
CA PHE A 161 10.19 -0.92 -13.00
C PHE A 161 11.47 -1.51 -12.45
N SER A 162 12.62 -1.00 -12.89
CA SER A 162 13.89 -1.59 -12.47
C SER A 162 14.13 -1.43 -10.97
N VAL A 163 13.53 -0.41 -10.37
CA VAL A 163 13.65 -0.22 -8.93
C VAL A 163 12.90 -1.34 -8.22
N TRP A 164 11.71 -1.66 -8.71
CA TRP A 164 10.98 -2.79 -8.18
C TRP A 164 11.72 -4.13 -8.41
N SER A 165 12.11 -4.43 -9.65
CA SER A 165 12.69 -5.75 -9.91
C SER A 165 14.06 -5.98 -9.27
N GLU A 166 14.87 -4.95 -9.14
CA GLU A 166 16.26 -5.12 -8.66
C GLU A 166 16.50 -4.74 -7.22
N ALA A 167 15.83 -3.69 -6.76
CA ALA A 167 16.11 -3.17 -5.43
C ALA A 167 15.07 -3.64 -4.43
N ILE A 168 13.82 -3.76 -4.86
CA ILE A 168 12.76 -4.01 -3.88
C ILE A 168 12.38 -5.49 -3.81
N GLU A 169 12.00 -6.07 -4.93
CA GLU A 169 11.44 -7.42 -4.90
C GLU A 169 12.37 -8.46 -4.23
N PRO A 170 13.68 -8.39 -4.48
CA PRO A 170 14.59 -9.38 -3.88
C PRO A 170 14.69 -9.31 -2.34
N THR A 171 14.24 -8.22 -1.73
CA THR A 171 14.22 -8.15 -0.27
C THR A 171 13.18 -9.09 0.32
N LEU A 172 12.27 -9.59 -0.51
CA LEU A 172 11.17 -10.42 -0.05
C LEU A 172 11.39 -11.94 -0.10
N SER A 173 12.49 -12.38 -0.72
CA SER A 173 12.72 -13.81 -0.99
C SER A 173 12.82 -14.66 0.27
N VAL A 174 13.71 -14.29 1.17
CA VAL A 174 14.02 -15.14 2.31
C VAL A 174 12.82 -15.40 3.25
N ARG A 175 11.92 -14.44 3.38
CA ARG A 175 10.75 -14.58 4.24
C ARG A 175 9.46 -14.76 3.42
N ASP A 176 9.61 -14.92 2.12
CA ASP A 176 8.46 -15.07 1.22
C ASP A 176 7.44 -13.96 1.48
N GLY A 177 7.91 -12.72 1.45
CA GLY A 177 7.14 -11.58 1.92
C GLY A 177 6.19 -11.09 0.85
N TRP A 178 5.30 -10.18 1.22
CA TRP A 178 4.28 -9.69 0.32
C TRP A 178 4.55 -8.25 -0.10
N ALA A 179 3.90 -7.86 -1.20
CA ALA A 179 4.00 -6.51 -1.70
C ALA A 179 2.61 -6.00 -2.02
N LEU A 180 2.34 -4.77 -1.61
CA LEU A 180 1.11 -4.09 -1.93
C LEU A 180 1.53 -2.93 -2.81
N ILE A 181 1.02 -2.95 -4.04
CA ILE A 181 1.46 -2.06 -5.10
C ILE A 181 0.26 -1.22 -5.44
N ILE A 182 0.28 0.06 -5.05
CA ILE A 182 -0.91 0.92 -5.16
C ILE A 182 -0.60 2.19 -5.91
N SER A 183 -1.55 2.64 -6.70
CA SER A 183 -1.31 3.82 -7.51
C SER A 183 -2.57 4.26 -8.21
N THR A 184 -2.59 5.51 -8.64
CA THR A 184 -3.41 5.92 -9.77
C THR A 184 -2.58 5.56 -11.01
N PRO A 185 -3.25 5.15 -12.08
CA PRO A 185 -2.52 4.67 -13.27
C PRO A 185 -1.81 5.78 -14.04
N LYS A 186 -0.77 5.39 -14.77
CA LYS A 186 -0.02 6.29 -15.61
C LYS A 186 0.21 5.61 -16.96
N GLY A 187 -0.86 5.18 -17.59
CA GLY A 187 -0.75 4.60 -18.91
C GLY A 187 -0.46 3.13 -18.86
N LEU A 188 -0.05 2.59 -20.00
CA LEU A 188 0.10 1.15 -20.12
C LEU A 188 1.52 0.68 -19.81
N ASN A 189 1.99 1.01 -18.61
CA ASN A 189 3.35 0.70 -18.22
C ASN A 189 3.38 -0.55 -17.31
N TRP A 190 4.46 -0.74 -16.54
CA TRP A 190 4.62 -1.99 -15.81
C TRP A 190 3.51 -2.16 -14.77
N PHE A 191 3.01 -1.04 -14.22
CA PHE A 191 1.97 -1.13 -13.20
C PHE A 191 0.69 -1.68 -13.81
N TYR A 192 0.40 -1.26 -15.03
CA TYR A 192 -0.70 -1.87 -15.78
C TYR A 192 -0.54 -3.37 -16.03
N GLU A 193 0.65 -3.78 -16.50
CA GLU A 193 0.90 -5.19 -16.75
C GLU A 193 0.81 -6.00 -15.46
N PHE A 194 1.30 -5.45 -14.36
CA PHE A 194 1.20 -6.15 -13.07
C PHE A 194 -0.24 -6.23 -12.65
N PHE A 195 -0.98 -5.15 -12.88
CA PHE A 195 -2.40 -5.14 -12.58
C PHE A 195 -3.12 -6.29 -13.32
N LEU A 196 -2.90 -6.40 -14.63
CA LEU A 196 -3.58 -7.44 -15.39
C LEU A 196 -3.27 -8.83 -14.87
N MET A 197 -2.07 -9.04 -14.34
CA MET A 197 -1.73 -10.38 -13.83
C MET A 197 -2.60 -10.83 -12.65
N GLY A 198 -3.24 -9.89 -11.99
CA GLY A 198 -4.09 -10.18 -10.84
C GLY A 198 -5.57 -9.89 -11.12
N TRP A 199 -5.90 -9.43 -12.31
CA TRP A 199 -7.26 -9.02 -12.59
C TRP A 199 -8.16 -10.17 -13.04
N ARG A 200 -9.11 -10.52 -12.18
CA ARG A 200 -10.04 -11.61 -12.43
C ARG A 200 -11.49 -11.13 -12.53
N GLY A 201 -11.68 -9.82 -12.72
CA GLY A 201 -13.02 -9.26 -12.70
C GLY A 201 -13.68 -9.24 -14.07
N GLY A 202 -13.00 -9.76 -15.09
CA GLY A 202 -13.55 -9.77 -16.44
C GLY A 202 -13.50 -8.44 -17.16
N LEU A 203 -14.08 -8.41 -18.36
CA LEU A 203 -14.12 -7.19 -19.17
C LEU A 203 -14.69 -6.01 -18.38
N LYS A 204 -13.95 -4.91 -18.32
CA LYS A 204 -14.40 -3.73 -17.60
C LYS A 204 -13.97 -2.47 -18.34
N GLU A 205 -14.87 -1.50 -18.41
CA GLU A 205 -14.52 -0.19 -18.95
C GLU A 205 -13.40 0.42 -18.15
N GLY A 206 -12.39 0.93 -18.85
CA GLY A 206 -11.27 1.57 -18.21
C GLY A 206 -10.07 0.65 -18.06
N ILE A 207 -10.24 -0.63 -18.42
CA ILE A 207 -9.14 -1.59 -18.37
C ILE A 207 -9.01 -2.33 -19.71
N PRO A 208 -8.16 -1.79 -20.60
CA PRO A 208 -7.96 -2.42 -21.90
C PRO A 208 -7.49 -3.86 -21.73
N ASN A 209 -8.09 -4.75 -22.54
CA ASN A 209 -7.76 -6.18 -22.60
C ASN A 209 -8.13 -6.92 -21.34
N SER A 210 -9.10 -6.40 -20.58
CA SER A 210 -9.52 -7.02 -19.34
C SER A 210 -10.38 -8.27 -19.58
N GLY A 211 -10.77 -8.51 -20.83
CA GLY A 211 -11.49 -9.73 -21.14
C GLY A 211 -10.59 -10.89 -21.55
N ILE A 212 -9.32 -10.61 -21.79
CA ILE A 212 -8.40 -11.59 -22.39
C ILE A 212 -7.04 -11.65 -21.70
N ASN A 213 -6.92 -11.12 -20.49
CA ASN A 213 -5.63 -11.06 -19.82
C ASN A 213 -5.26 -12.40 -19.18
N GLN A 214 -3.97 -12.72 -19.15
CA GLN A 214 -3.45 -13.88 -18.42
C GLN A 214 -3.21 -13.53 -16.98
N THR A 215 -3.72 -14.33 -16.06
CA THR A 215 -3.48 -14.08 -14.63
C THR A 215 -2.44 -15.06 -14.06
N HIS A 216 -1.96 -14.72 -12.87
CA HIS A 216 -0.90 -15.45 -12.19
C HIS A 216 -1.39 -15.70 -10.76
N PRO A 217 -1.16 -16.91 -10.21
CA PRO A 217 -1.82 -17.26 -8.94
C PRO A 217 -1.41 -16.43 -7.71
N ASP A 218 -0.23 -15.84 -7.71
CA ASP A 218 0.20 -15.04 -6.55
C ASP A 218 -0.27 -13.58 -6.61
N PHE A 219 -1.00 -13.25 -7.67
CA PHE A 219 -1.45 -11.88 -7.91
C PHE A 219 -2.96 -11.71 -7.71
N GLU A 220 -3.34 -10.61 -7.07
CA GLU A 220 -4.74 -10.22 -7.01
C GLU A 220 -4.85 -8.70 -7.16
N SER A 221 -5.75 -8.28 -8.04
CA SER A 221 -5.90 -6.86 -8.40
C SER A 221 -7.27 -6.28 -8.05
N PHE A 222 -7.26 -4.99 -7.70
CA PHE A 222 -8.43 -4.28 -7.22
C PHE A 222 -8.54 -2.98 -8.00
N HIS A 223 -9.76 -2.60 -8.34
CA HIS A 223 -9.97 -1.40 -9.16
C HIS A 223 -11.19 -0.62 -8.73
N ALA A 224 -11.07 0.70 -8.68
CA ALA A 224 -12.23 1.54 -8.37
C ALA A 224 -11.96 2.99 -8.76
N ALA A 225 -12.91 3.59 -9.45
CA ALA A 225 -12.95 5.03 -9.65
C ALA A 225 -13.34 5.75 -8.35
N SER A 226 -12.94 7.01 -8.20
CA SER A 226 -13.30 7.78 -7.02
C SER A 226 -14.81 7.73 -6.76
N TRP A 227 -15.61 7.85 -7.82
CA TRP A 227 -17.07 7.85 -7.67
C TRP A 227 -17.67 6.47 -7.46
N ASP A 228 -16.85 5.41 -7.63
CA ASP A 228 -17.30 4.06 -7.27
C ASP A 228 -17.30 3.90 -5.76
N VAL A 229 -16.31 4.51 -5.12
CA VAL A 229 -16.20 4.51 -3.67
C VAL A 229 -17.12 5.54 -3.02
N TRP A 230 -17.22 6.73 -3.61
CA TRP A 230 -18.08 7.80 -3.10
C TRP A 230 -19.09 8.24 -4.13
N PRO A 231 -20.11 7.41 -4.37
CA PRO A 231 -21.14 7.78 -5.35
C PRO A 231 -21.78 9.13 -5.04
N GLU A 232 -21.86 9.48 -3.76
CA GLU A 232 -22.49 10.74 -3.33
C GLU A 232 -21.66 11.95 -3.74
N ARG A 233 -20.42 11.73 -4.16
CA ARG A 233 -19.52 12.83 -4.52
C ARG A 233 -19.31 12.91 -6.02
N ARG A 234 -20.03 12.09 -6.77
CA ARG A 234 -19.83 11.96 -8.20
C ARG A 234 -19.78 13.33 -8.91
N GLU A 235 -20.77 14.20 -8.68
CA GLU A 235 -20.83 15.49 -9.40
C GLU A 235 -19.77 16.49 -8.91
N TRP A 236 -19.32 16.31 -7.68
CA TRP A 236 -18.24 17.12 -7.15
C TRP A 236 -16.95 16.78 -7.88
N TYR A 237 -16.72 15.49 -8.11
CA TYR A 237 -15.56 15.05 -8.89
C TYR A 237 -15.67 15.52 -10.32
N MET A 238 -16.85 15.39 -10.89
CA MET A 238 -17.01 15.70 -12.31
C MET A 238 -16.72 17.18 -12.61
N GLU A 239 -16.88 18.06 -11.63
CA GLU A 239 -16.51 19.46 -11.83
C GLU A 239 -15.03 19.64 -12.13
N ARG A 240 -14.20 18.74 -11.61
CA ARG A 240 -12.76 18.82 -11.80
C ARG A 240 -12.36 18.58 -13.23
N ARG A 241 -13.21 17.90 -13.98
CA ARG A 241 -13.00 17.67 -15.41
C ARG A 241 -12.72 18.97 -16.13
N LEU A 242 -13.24 20.06 -15.58
CA LEU A 242 -13.22 21.36 -16.27
C LEU A 242 -11.91 22.09 -16.16
N TYR A 243 -11.04 21.67 -15.25
CA TYR A 243 -9.77 22.37 -15.09
C TYR A 243 -8.58 21.45 -14.85
N ILE A 244 -8.79 20.18 -15.15
CA ILE A 244 -7.73 19.20 -15.13
C ILE A 244 -7.76 18.54 -16.49
N PRO A 245 -6.59 18.34 -17.10
CA PRO A 245 -6.56 17.71 -18.43
C PRO A 245 -7.27 16.39 -18.44
N ASP A 246 -7.87 16.07 -19.58
CA ASP A 246 -8.69 14.88 -19.75
C ASP A 246 -7.94 13.63 -19.29
N LEU A 247 -6.68 13.49 -19.70
CA LEU A 247 -5.91 12.31 -19.32
C LEU A 247 -5.72 12.22 -17.81
N GLU A 248 -5.34 13.34 -17.19
CA GLU A 248 -5.10 13.40 -15.74
C GLU A 248 -6.38 13.10 -14.97
N PHE A 249 -7.51 13.57 -15.46
CA PHE A 249 -8.78 13.34 -14.76
C PHE A 249 -9.16 11.87 -14.81
N ARG A 250 -9.06 11.29 -16.01
CA ARG A 250 -9.40 9.89 -16.20
C ARG A 250 -8.50 8.96 -15.35
N GLN A 251 -7.24 9.31 -15.21
CA GLN A 251 -6.32 8.54 -14.36
C GLN A 251 -6.57 8.75 -12.89
N GLU A 252 -6.60 10.00 -12.45
CA GLU A 252 -6.61 10.31 -11.02
C GLU A 252 -7.96 10.07 -10.38
N TYR A 253 -9.03 10.21 -11.15
CA TYR A 253 -10.38 10.02 -10.63
C TYR A 253 -11.03 8.82 -11.25
N GLY A 254 -10.83 8.63 -12.55
CA GLY A 254 -11.43 7.49 -13.23
C GLY A 254 -10.69 6.19 -12.97
N ALA A 255 -9.47 6.29 -12.46
CA ALA A 255 -8.56 5.15 -12.33
C ALA A 255 -8.51 4.39 -13.66
N GLU A 256 -8.51 5.12 -14.76
CA GLU A 256 -8.57 4.50 -16.07
C GLU A 256 -7.16 4.21 -16.60
N PHE A 257 -6.97 2.99 -17.10
CA PHE A 257 -5.79 2.65 -17.87
C PHE A 257 -6.00 3.06 -19.32
N VAL A 258 -5.20 4.00 -19.82
CA VAL A 258 -5.36 4.46 -21.21
C VAL A 258 -3.99 4.70 -21.85
N SER A 259 -3.79 4.19 -23.06
CA SER A 259 -2.54 4.43 -23.81
C SER A 259 -2.33 5.93 -23.97
N HIS A 260 -1.17 6.43 -23.57
CA HIS A 260 -0.95 7.87 -23.64
C HIS A 260 -0.89 8.35 -25.09
N SER A 261 -0.15 7.65 -25.93
CA SER A 261 -0.05 7.99 -27.35
C SER A 261 -1.36 7.67 -28.10
N GLY A 262 -2.01 6.56 -27.72
CA GLY A 262 -3.30 6.19 -28.26
C GLY A 262 -4.33 7.29 -28.05
N LEU A 263 -4.39 7.82 -26.83
CA LEU A 263 -5.33 8.91 -26.51
C LEU A 263 -5.01 10.20 -27.24
N GLU A 264 -3.73 10.56 -27.29
CA GLU A 264 -3.29 11.77 -27.99
C GLU A 264 -3.34 11.59 -29.51
N HIS A 265 -4.11 10.60 -29.98
CA HIS A 265 -4.51 10.49 -31.40
C HIS A 265 -5.99 10.84 -31.53
S SO4 B . -7.35 8.72 13.42
O1 SO4 B . -6.88 8.28 14.73
O2 SO4 B . -8.80 8.69 13.42
O3 SO4 B . -6.86 10.07 13.13
O4 SO4 B . -6.86 7.81 12.37
S SO4 C . -6.43 7.74 -1.57
O1 SO4 C . -5.14 7.51 -0.93
O2 SO4 C . -7.49 7.83 -0.57
O3 SO4 C . -6.34 8.99 -2.31
O4 SO4 C . -6.72 6.62 -2.45
S SO4 D . 16.57 10.76 13.95
O1 SO4 D . 17.96 11.24 13.97
O2 SO4 D . 16.37 9.86 15.08
O3 SO4 D . 15.64 11.89 14.04
O4 SO4 D . 16.35 10.03 12.70
S SO4 E . 17.68 -13.31 29.79
O1 SO4 E . 18.48 -14.29 30.54
O2 SO4 E . 16.45 -14.00 29.40
O3 SO4 E . 17.40 -12.15 30.65
O4 SO4 E . 18.39 -12.82 28.61
#